data_3BWW
#
_entry.id   3BWW
#
_cell.length_a   53.572
_cell.length_b   65.992
_cell.length_c   95.585
_cell.angle_alpha   90.000
_cell.angle_beta   90.000
_cell.angle_gamma   90.000
#
_symmetry.space_group_name_H-M   'P 21 21 21'
#
loop_
_entity.id
_entity.type
_entity.pdbx_description
1 polymer 'Protein of unknown function DUF692/COG3220'
2 non-polymer 'FE (III) ION'
3 non-polymer 'CACODYLATE ION'
4 non-polymer 1,2-ETHANEDIOL
5 water water
#
_entity_poly.entity_id   1
_entity_poly.type   'polypeptide(L)'
_entity_poly.pdbx_seq_one_letter_code
;G(MSE)RQGAGLGYRRDLAEGFLQLRNNDRIQF(MSE)EIAPENWIK(MSE)GGFARYQFDKVAEKIPILIHGLSLSLGG
QAPLDKELLSSIKA(MSE)IKQYNTPFFSDHLSFCECDGHLYDLLP(MSE)PFTDEAVKHTAARIREVQDFLEIQISVEN
TSYYLHSETST(MSE)NEVEFLNAIVQEANCGIHLDVNNIYVNAVNHGLLDPHVFIDNVDLKRVNYIHIAGHDDEHAATE
VQIQTSESFNKIKGDLRHLPPLLVDTHGENVKGTVWDLLEYTYARLSH(MSE)PPTLLERDFNFPPFEKLCKEVDIIHQL
QQKYVKKRGLSWLKI
;
_entity_poly.pdbx_strand_id   A
#
# COMPACT_ATOMS: atom_id res chain seq x y z
N GLY A 1 -15.70 10.04 0.17
CA GLY A 1 -15.39 9.50 1.54
C GLY A 1 -16.18 8.22 1.81
N ARG A 3 -12.54 5.76 3.64
CA ARG A 3 -11.94 4.42 3.63
C ARG A 3 -11.38 3.95 4.96
N GLN A 4 -11.84 2.80 5.39
CA GLN A 4 -11.37 2.22 6.61
C GLN A 4 -11.62 0.74 6.55
N GLY A 5 -11.06 -0.03 7.48
CA GLY A 5 -11.36 -1.44 7.61
C GLY A 5 -10.61 -2.33 6.67
N ALA A 6 -11.35 -3.29 6.08
CA ALA A 6 -10.83 -4.36 5.21
C ALA A 6 -11.38 -4.19 3.79
N GLY A 7 -10.50 -4.34 2.77
CA GLY A 7 -10.83 -4.16 1.34
C GLY A 7 -10.17 -5.14 0.38
N LEU A 8 -10.47 -4.98 -0.89
CA LEU A 8 -10.10 -5.95 -1.92
C LEU A 8 -9.66 -5.18 -3.16
N GLY A 9 -8.70 -5.69 -3.93
CA GLY A 9 -8.24 -4.97 -5.11
C GLY A 9 -9.19 -5.17 -6.27
N TYR A 10 -9.41 -4.14 -7.09
CA TYR A 10 -10.23 -4.25 -8.26
C TYR A 10 -9.45 -4.85 -9.43
N ARG A 11 -10.07 -5.82 -10.11
CA ARG A 11 -9.60 -6.49 -11.32
C ARG A 11 -10.82 -6.50 -12.25
N ARG A 12 -10.61 -6.28 -13.56
CA ARG A 12 -11.70 -6.28 -14.55
C ARG A 12 -12.45 -7.61 -14.51
N ASP A 13 -11.77 -8.68 -14.08
CA ASP A 13 -12.41 -10.01 -14.07
C ASP A 13 -13.19 -10.30 -12.79
N LEU A 14 -13.05 -9.46 -11.78
CA LEU A 14 -13.94 -9.52 -10.63
C LEU A 14 -15.09 -8.50 -10.74
N ALA A 15 -15.22 -7.81 -11.88
CA ALA A 15 -16.20 -6.74 -12.00
C ALA A 15 -17.61 -7.24 -11.71
N GLU A 16 -17.94 -8.48 -12.05
CA GLU A 16 -19.30 -8.97 -11.78
C GLU A 16 -19.62 -9.09 -10.28
N GLY A 17 -18.66 -9.55 -9.47
CA GLY A 17 -18.84 -9.59 -8.02
C GLY A 17 -18.86 -8.19 -7.38
N PHE A 18 -17.97 -7.31 -7.82
CA PHE A 18 -17.97 -5.93 -7.35
C PHE A 18 -19.28 -5.17 -7.64
N LEU A 19 -19.79 -5.32 -8.88
CA LEU A 19 -21.01 -4.62 -9.31
C LEU A 19 -22.25 -5.11 -8.58
N GLN A 20 -22.19 -6.29 -7.97
CA GLN A 20 -23.31 -6.84 -7.19
C GLN A 20 -23.27 -6.50 -5.72
N LEU A 21 -22.20 -5.87 -5.27
CA LEU A 21 -22.11 -5.40 -3.90
C LEU A 21 -23.16 -4.28 -3.74
N ARG A 22 -24.09 -4.47 -2.81
CA ARG A 22 -25.15 -3.49 -2.55
C ARG A 22 -24.68 -2.32 -1.65
N ASN A 23 -23.52 -2.45 -1.02
CA ASN A 23 -22.91 -1.42 -0.20
C ASN A 23 -21.40 -1.72 0.05
N ASN A 24 -20.73 -0.91 0.87
CA ASN A 24 -19.36 -1.21 1.26
C ASN A 24 -19.22 -1.68 2.71
N ASP A 25 -20.18 -2.48 3.21
CA ASP A 25 -20.14 -2.94 4.59
C ASP A 25 -19.13 -4.09 4.76
N ARG A 26 -18.94 -4.88 3.71
CA ARG A 26 -18.05 -6.05 3.73
C ARG A 26 -16.74 -5.80 2.97
N ILE A 27 -16.86 -5.40 1.70
CA ILE A 27 -15.75 -4.90 0.92
C ILE A 27 -15.84 -3.43 1.18
N GLN A 28 -15.09 -2.95 2.15
CA GLN A 28 -15.24 -1.57 2.65
C GLN A 28 -14.57 -0.49 1.79
N PHE A 29 -13.56 -0.92 1.02
CA PHE A 29 -12.91 -0.08 0.00
C PHE A 29 -12.27 -1.01 -1.01
N GLU A 31 -9.00 -1.05 -4.30
CA GLU A 31 -7.77 -0.46 -4.76
C GLU A 31 -7.68 -0.58 -6.24
N ILE A 32 -7.10 0.43 -6.87
CA ILE A 32 -6.87 0.49 -8.33
C ILE A 32 -5.50 1.13 -8.59
N ALA A 33 -4.81 0.65 -9.64
CA ALA A 33 -3.57 1.26 -10.11
C ALA A 33 -3.91 2.25 -11.23
N PRO A 34 -3.26 3.44 -11.23
CA PRO A 34 -3.47 4.40 -12.33
C PRO A 34 -3.05 3.87 -13.69
N GLU A 35 -2.08 2.98 -13.69
CA GLU A 35 -1.58 2.40 -14.91
C GLU A 35 -2.68 1.58 -15.57
N ASN A 36 -3.55 0.95 -14.77
CA ASN A 36 -4.67 0.16 -15.29
C ASN A 36 -5.89 1.00 -15.59
N TRP A 37 -6.17 2.00 -14.76
CA TRP A 37 -7.29 2.91 -14.96
C TRP A 37 -7.12 3.70 -16.24
N ILE A 38 -5.93 4.24 -16.45
CA ILE A 38 -5.61 5.04 -17.64
C ILE A 38 -5.89 4.26 -18.93
N LYS A 39 -5.61 2.94 -18.92
CA LYS A 39 -5.73 2.12 -20.12
C LYS A 39 -7.04 1.27 -20.19
N GLY A 41 -10.81 0.60 -21.26
CA GLY A 41 -11.78 0.93 -22.29
C GLY A 41 -13.02 1.59 -21.72
N GLY A 42 -13.85 2.12 -22.59
CA GLY A 42 -15.07 2.78 -22.20
C GLY A 42 -15.94 1.92 -21.31
N PHE A 43 -16.17 0.66 -21.68
CA PHE A 43 -17.06 -0.18 -20.88
C PHE A 43 -16.41 -0.66 -19.59
N ALA A 44 -15.13 -1.00 -19.62
CA ALA A 44 -14.41 -1.34 -18.39
C ALA A 44 -14.43 -0.20 -17.40
N ARG A 45 -14.25 1.03 -17.89
CA ARG A 45 -14.28 2.22 -17.02
C ARG A 45 -15.69 2.44 -16.47
N TYR A 46 -16.70 2.28 -17.32
CA TYR A 46 -18.07 2.37 -16.85
C TYR A 46 -18.32 1.43 -15.69
N GLN A 47 -17.90 0.19 -15.81
CA GLN A 47 -18.12 -0.78 -14.73
C GLN A 47 -17.43 -0.35 -13.47
N PHE A 48 -16.18 0.06 -13.61
CA PHE A 48 -15.39 0.61 -12.50
C PHE A 48 -16.07 1.79 -11.84
N ASP A 49 -16.41 2.81 -12.62
CA ASP A 49 -17.11 4.01 -12.11
C ASP A 49 -18.43 3.67 -11.41
N LYS A 50 -19.14 2.70 -11.94
CA LYS A 50 -20.37 2.22 -11.37
C LYS A 50 -20.15 1.52 -10.05
N VAL A 51 -19.06 0.75 -9.91
CA VAL A 51 -18.72 0.13 -8.62
C VAL A 51 -18.27 1.18 -7.59
N ALA A 52 -17.52 2.20 -8.05
CA ALA A 52 -17.02 3.35 -7.24
C ALA A 52 -18.14 4.26 -6.66
N GLU A 53 -19.37 4.08 -7.14
CA GLU A 53 -20.54 4.71 -6.56
C GLU A 53 -20.86 4.10 -5.20
N LYS A 54 -20.46 2.86 -4.96
CA LYS A 54 -20.74 2.21 -3.67
C LYS A 54 -19.51 1.86 -2.86
N ILE A 55 -18.39 1.57 -3.53
CA ILE A 55 -17.20 1.06 -2.88
C ILE A 55 -16.10 2.10 -3.13
N PRO A 56 -15.69 2.81 -2.06
CA PRO A 56 -14.64 3.83 -2.17
C PRO A 56 -13.25 3.27 -2.51
N ILE A 57 -12.39 4.15 -3.01
N ILE A 57 -12.43 4.08 -3.17
CA ILE A 57 -11.15 3.80 -3.71
CA ILE A 57 -11.12 3.62 -3.69
C ILE A 57 -9.92 4.35 -2.98
C ILE A 57 -9.93 4.31 -3.01
N LEU A 58 -8.83 3.57 -3.01
CA LEU A 58 -7.50 4.04 -2.65
C LEU A 58 -6.67 3.79 -3.93
N ILE A 59 -5.76 4.70 -4.26
CA ILE A 59 -4.93 4.59 -5.46
C ILE A 59 -3.54 4.13 -5.05
N HIS A 60 -3.12 3.00 -5.60
CA HIS A 60 -1.80 2.45 -5.35
C HIS A 60 -1.21 2.18 -6.65
N GLY A 61 -0.18 2.93 -6.99
CA GLY A 61 0.40 2.91 -8.32
C GLY A 61 1.62 2.06 -8.45
N LEU A 62 1.87 1.59 -9.66
CA LEU A 62 2.91 0.62 -9.91
C LEU A 62 4.22 1.22 -10.38
N SER A 63 4.18 2.33 -11.11
CA SER A 63 5.30 2.69 -11.96
C SER A 63 5.97 4.07 -11.75
N LEU A 64 5.54 4.85 -10.77
CA LEU A 64 6.12 6.21 -10.61
C LEU A 64 7.63 6.25 -10.32
N SER A 65 8.20 5.12 -9.91
CA SER A 65 9.64 4.94 -9.73
C SER A 65 10.22 6.04 -8.85
N LEU A 66 9.88 6.07 -7.54
CA LEU A 66 10.25 7.22 -6.65
C LEU A 66 11.75 7.35 -6.32
N GLY A 67 12.49 6.24 -6.43
CA GLY A 67 13.93 6.21 -6.17
C GLY A 67 14.76 6.03 -7.42
N GLY A 68 14.12 6.16 -8.58
CA GLY A 68 14.74 5.98 -9.88
C GLY A 68 15.42 7.25 -10.29
N GLN A 69 16.14 7.17 -11.40
CA GLN A 69 16.97 8.30 -11.83
C GLN A 69 16.29 9.07 -12.95
N ALA A 70 15.37 8.39 -13.64
CA ALA A 70 14.63 8.97 -14.75
C ALA A 70 13.75 10.09 -14.19
N PRO A 71 13.50 11.18 -14.95
CA PRO A 71 12.72 12.26 -14.33
C PRO A 71 11.28 11.78 -14.10
N LEU A 72 10.60 12.35 -13.10
CA LEU A 72 9.24 11.94 -12.76
C LEU A 72 8.32 12.18 -13.97
N ASP A 73 7.43 11.22 -14.21
CA ASP A 73 6.49 11.26 -15.33
C ASP A 73 5.38 12.25 -15.00
N LYS A 74 5.38 13.43 -15.62
CA LYS A 74 4.32 14.42 -15.38
C LYS A 74 2.95 14.00 -15.97
N GLU A 75 2.95 13.19 -17.05
CA GLU A 75 1.71 12.69 -17.68
C GLU A 75 1.01 11.70 -16.71
N LEU A 76 1.77 10.76 -16.14
CA LEU A 76 1.30 9.87 -15.05
C LEU A 76 0.86 10.60 -13.78
N LEU A 77 1.68 11.50 -13.26
CA LEU A 77 1.32 12.35 -12.10
C LEU A 77 0.03 13.10 -12.31
N SER A 78 -0.20 13.60 -13.53
CA SER A 78 -1.45 14.27 -13.86
C SER A 78 -2.68 13.37 -13.82
N SER A 79 -2.54 12.11 -14.25
CA SER A 79 -3.66 11.19 -14.14
C SER A 79 -3.87 10.83 -12.69
N ILE A 80 -2.81 10.75 -11.88
CA ILE A 80 -3.01 10.45 -10.46
C ILE A 80 -3.80 11.63 -9.81
N LYS A 81 -3.43 12.86 -10.12
CA LYS A 81 -4.10 14.03 -9.54
C LYS A 81 -5.55 14.08 -10.00
N ALA A 82 -5.79 13.69 -11.26
CA ALA A 82 -7.14 13.66 -11.81
C ALA A 82 -8.03 12.62 -11.12
N ILE A 84 -7.53 11.37 -7.99
CA ILE A 84 -7.72 11.85 -6.62
C ILE A 84 -8.90 12.79 -6.55
N LYS A 85 -8.96 13.73 -7.49
CA LYS A 85 -10.07 14.70 -7.59
C LYS A 85 -11.34 13.96 -7.99
N GLN A 86 -11.29 13.14 -9.03
CA GLN A 86 -12.50 12.49 -9.55
C GLN A 86 -13.18 11.57 -8.55
N TYR A 87 -12.41 10.81 -7.80
CA TYR A 87 -12.93 9.76 -6.90
C TYR A 87 -12.84 10.22 -5.45
N ASN A 88 -12.47 11.48 -5.31
CA ASN A 88 -12.50 12.14 -4.03
C ASN A 88 -11.69 11.35 -3.02
N THR A 89 -10.48 10.99 -3.39
CA THR A 89 -9.67 10.07 -2.57
C THR A 89 -8.24 10.61 -2.33
N PRO A 90 -8.00 11.29 -1.17
CA PRO A 90 -6.74 11.98 -0.93
C PRO A 90 -5.68 11.07 -0.33
N PHE A 91 -5.27 10.08 -1.12
CA PHE A 91 -4.28 9.08 -0.78
C PHE A 91 -3.57 8.73 -2.07
N PHE A 92 -2.29 8.45 -1.98
CA PHE A 92 -1.58 7.84 -3.07
C PHE A 92 -0.42 7.09 -2.46
N SER A 93 -0.18 5.86 -2.91
CA SER A 93 1.07 5.18 -2.58
C SER A 93 1.67 4.59 -3.82
N ASP A 94 2.99 4.46 -3.83
CA ASP A 94 3.74 3.76 -4.89
C ASP A 94 4.98 3.10 -4.24
N HIS A 95 5.93 2.71 -5.08
CA HIS A 95 7.08 1.92 -4.73
C HIS A 95 8.35 2.68 -5.09
N LEU A 96 9.50 2.22 -4.58
N LEU A 96 9.49 2.20 -4.60
CA LEU A 96 10.81 2.79 -4.99
CA LEU A 96 10.81 2.81 -4.97
C LEU A 96 11.25 2.51 -6.45
C LEU A 96 11.32 2.49 -6.40
N SER A 97 11.16 1.25 -6.87
CA SER A 97 11.54 0.91 -8.27
C SER A 97 10.48 0.18 -9.12
N PHE A 98 10.63 0.25 -10.45
CA PHE A 98 9.91 -0.61 -11.45
C PHE A 98 8.42 -0.33 -11.56
N LEU A 108 17.85 -6.56 -12.63
CA LEU A 108 19.32 -6.46 -12.59
C LEU A 108 19.83 -5.84 -11.26
N LEU A 109 20.53 -4.70 -11.37
CA LEU A 109 21.27 -4.05 -10.28
C LEU A 109 20.70 -4.02 -8.83
N PRO A 110 21.57 -4.18 -7.80
CA PRO A 110 21.20 -3.98 -6.39
C PRO A 110 20.53 -2.63 -6.07
N PRO A 112 20.90 -0.09 -3.33
CA PRO A 112 21.72 0.25 -2.18
C PRO A 112 20.98 1.09 -1.18
N PHE A 113 21.06 0.67 0.07
CA PHE A 113 20.52 1.41 1.19
C PHE A 113 21.64 2.31 1.73
N THR A 114 21.86 3.44 1.05
CA THR A 114 22.88 4.41 1.37
C THR A 114 22.18 5.75 1.65
N ASP A 115 22.85 6.67 2.31
CA ASP A 115 22.31 8.01 2.50
C ASP A 115 22.07 8.76 1.17
N GLU A 116 22.90 8.49 0.19
CA GLU A 116 22.75 9.07 -1.09
C GLU A 116 21.41 8.66 -1.70
N ALA A 117 20.96 7.44 -1.46
CA ALA A 117 19.71 6.95 -2.05
C ALA A 117 18.55 7.49 -1.24
N VAL A 118 18.70 7.55 0.10
CA VAL A 118 17.71 8.16 1.01
C VAL A 118 17.42 9.58 0.59
N LYS A 119 18.46 10.39 0.40
CA LYS A 119 18.31 11.83 0.05
C LYS A 119 17.69 12.03 -1.32
N HIS A 120 18.21 11.30 -2.31
CA HIS A 120 17.59 11.17 -3.66
C HIS A 120 16.12 10.79 -3.64
N THR A 121 15.75 9.71 -2.96
CA THR A 121 14.36 9.25 -2.97
C THR A 121 13.42 10.18 -2.23
N ALA A 122 13.89 10.70 -1.10
CA ALA A 122 13.13 11.60 -0.26
C ALA A 122 12.78 12.87 -1.04
N ALA A 123 13.76 13.41 -1.77
CA ALA A 123 13.60 14.59 -2.59
C ALA A 123 12.61 14.41 -3.71
N ARG A 124 12.44 13.19 -4.22
CA ARG A 124 11.50 12.98 -5.32
C ARG A 124 10.10 12.86 -4.79
N ILE A 125 10.00 12.23 -3.62
CA ILE A 125 8.75 12.09 -2.89
C ILE A 125 8.20 13.46 -2.48
N ARG A 126 9.08 14.38 -2.05
CA ARG A 126 8.67 15.77 -1.77
C ARG A 126 8.17 16.53 -3.00
N GLU A 127 8.71 16.20 -4.18
CA GLU A 127 8.20 16.76 -5.44
C GLU A 127 6.84 16.21 -5.82
N VAL A 128 6.66 14.92 -5.62
CA VAL A 128 5.38 14.27 -5.89
C VAL A 128 4.31 14.79 -4.96
N GLN A 129 4.64 14.91 -3.68
CA GLN A 129 3.76 15.55 -2.70
C GLN A 129 3.36 16.98 -3.08
N ASP A 130 4.31 17.83 -3.53
CA ASP A 130 3.99 19.20 -3.94
C ASP A 130 3.06 19.32 -5.13
N PHE A 131 3.24 18.40 -6.09
CA PHE A 131 2.46 18.37 -7.30
C PHE A 131 1.06 17.90 -7.00
N LEU A 132 0.94 16.78 -6.29
CA LEU A 132 -0.37 16.18 -5.99
C LEU A 132 -1.12 16.94 -4.90
N GLU A 133 -0.38 17.70 -4.11
CA GLU A 133 -0.89 18.50 -2.95
C GLU A 133 -1.44 17.67 -1.82
N ILE A 134 -0.99 16.42 -1.77
CA ILE A 134 -1.30 15.52 -0.70
C ILE A 134 -0.01 14.87 -0.27
N GLN A 135 -0.03 14.33 0.92
CA GLN A 135 1.01 13.44 1.37
C GLN A 135 0.81 12.04 0.77
N ILE A 136 1.93 11.45 0.34
CA ILE A 136 1.92 10.10 -0.22
C ILE A 136 2.44 9.11 0.84
N SER A 137 2.27 7.83 0.56
CA SER A 137 2.85 6.75 1.35
C SER A 137 3.81 5.93 0.42
N VAL A 138 4.84 5.32 0.99
CA VAL A 138 5.85 4.56 0.21
C VAL A 138 5.62 3.12 0.60
N GLU A 139 5.54 2.21 -0.35
CA GLU A 139 5.37 0.81 0.01
C GLU A 139 6.72 0.08 0.06
N ASN A 140 6.97 -0.70 1.12
CA ASN A 140 8.11 -1.61 1.17
C ASN A 140 7.90 -2.74 0.18
N THR A 141 8.91 -3.00 -0.64
CA THR A 141 8.89 -4.07 -1.61
C THR A 141 10.02 -5.11 -1.43
N SER A 142 9.79 -6.30 -1.99
CA SER A 142 10.81 -7.30 -2.24
C SER A 142 11.89 -6.76 -3.14
N TYR A 143 13.15 -7.09 -2.84
CA TYR A 143 14.26 -6.76 -3.73
C TYR A 143 15.07 -8.04 -3.95
N TYR A 144 15.66 -8.16 -5.16
CA TYR A 144 16.39 -9.37 -5.61
C TYR A 144 17.80 -9.41 -5.10
N LEU A 145 18.52 -8.30 -5.16
CA LEU A 145 19.94 -8.29 -4.86
C LEU A 145 20.24 -7.20 -3.80
N HIS A 146 20.89 -7.57 -2.69
CA HIS A 146 21.31 -6.63 -1.66
C HIS A 146 22.67 -6.02 -2.03
N SER A 147 22.84 -4.70 -1.96
CA SER A 147 24.11 -4.09 -2.33
C SER A 147 25.16 -4.24 -1.27
N GLU A 148 26.37 -4.59 -1.68
CA GLU A 148 27.56 -4.56 -0.82
C GLU A 148 27.78 -3.15 -0.23
N THR A 149 27.31 -2.09 -0.92
CA THR A 149 27.58 -0.68 -0.51
C THR A 149 26.63 -0.12 0.53
N SER A 150 25.61 -0.89 0.88
CA SER A 150 24.61 -0.46 1.80
C SER A 150 25.26 -0.15 3.14
N THR A 151 24.88 0.99 3.73
CA THR A 151 25.26 1.38 5.11
C THR A 151 24.12 1.18 6.12
N ASN A 153 20.08 -1.05 7.03
CA ASN A 153 19.25 -2.20 6.70
C ASN A 153 17.90 -1.73 6.13
N GLU A 154 17.03 -2.65 5.68
CA GLU A 154 15.79 -2.22 4.99
C GLU A 154 14.85 -1.33 5.81
N VAL A 155 14.57 -1.69 7.06
CA VAL A 155 13.68 -0.84 7.88
C VAL A 155 14.29 0.54 8.23
N GLU A 156 15.61 0.60 8.43
CA GLU A 156 16.32 1.89 8.52
C GLU A 156 16.20 2.81 7.30
N PHE A 157 16.27 2.19 6.15
CA PHE A 157 16.19 2.86 4.88
C PHE A 157 14.79 3.45 4.69
N LEU A 158 13.77 2.62 4.80
CA LEU A 158 12.37 3.03 4.74
C LEU A 158 12.09 4.16 5.69
N ASN A 159 12.38 3.93 6.98
CA ASN A 159 12.22 4.95 8.03
C ASN A 159 12.85 6.24 7.68
N ALA A 160 14.10 6.19 7.18
CA ALA A 160 14.83 7.39 6.78
C ALA A 160 14.21 8.12 5.62
N ILE A 161 13.73 7.40 4.61
CA ILE A 161 13.10 8.05 3.47
C ILE A 161 11.81 8.77 3.89
N VAL A 162 10.97 8.07 4.66
CA VAL A 162 9.66 8.61 4.99
C VAL A 162 9.77 9.73 6.04
N GLN A 163 10.82 9.75 6.84
CA GLN A 163 11.03 10.82 7.79
C GLN A 163 11.60 12.04 7.11
N GLU A 164 12.45 11.84 6.10
CA GLU A 164 13.02 12.96 5.33
C GLU A 164 12.06 13.51 4.26
N ALA A 165 11.23 12.67 3.65
CA ALA A 165 10.13 13.19 2.80
C ALA A 165 8.87 13.62 3.64
N ASN A 166 8.79 13.19 4.90
CA ASN A 166 7.61 13.38 5.78
C ASN A 166 6.33 12.88 5.14
N CYS A 167 6.37 11.59 4.86
CA CYS A 167 5.33 10.92 4.14
C CYS A 167 4.92 9.67 4.92
N GLY A 168 3.91 8.96 4.46
CA GLY A 168 3.45 7.76 5.17
C GLY A 168 4.14 6.51 4.69
N ILE A 169 3.82 5.40 5.37
CA ILE A 169 4.29 4.09 5.06
C ILE A 169 3.07 3.21 4.69
N HIS A 170 3.12 2.59 3.52
CA HIS A 170 2.13 1.61 3.09
C HIS A 170 2.88 0.35 3.42
N LEU A 171 2.49 -0.36 4.47
N LEU A 171 2.44 -0.37 4.45
CA LEU A 171 3.21 -1.56 4.93
CA LEU A 171 3.13 -1.59 4.90
C LEU A 171 2.68 -2.84 4.29
C LEU A 171 2.62 -2.82 4.19
N ASP A 172 3.52 -3.55 3.53
CA ASP A 172 3.20 -4.88 2.99
C ASP A 172 3.87 -5.99 3.81
N VAL A 173 3.04 -6.79 4.50
N VAL A 173 3.10 -6.79 4.55
CA VAL A 173 3.51 -7.82 5.44
CA VAL A 173 3.69 -7.76 5.46
C VAL A 173 4.30 -8.89 4.71
C VAL A 173 4.29 -8.97 4.74
N ASN A 174 3.86 -9.22 3.50
CA ASN A 174 4.41 -10.35 2.75
C ASN A 174 5.80 -10.00 2.32
N ASN A 175 5.99 -8.75 1.90
CA ASN A 175 7.30 -8.28 1.41
C ASN A 175 8.37 -8.28 2.51
N ILE A 176 7.98 -8.09 3.78
CA ILE A 176 8.87 -8.22 4.92
C ILE A 176 9.35 -9.66 5.04
N TYR A 177 8.39 -10.60 4.99
CA TYR A 177 8.66 -12.02 5.08
C TYR A 177 9.56 -12.45 3.94
N VAL A 178 9.32 -11.96 2.73
CA VAL A 178 10.04 -12.38 1.52
C VAL A 178 11.49 -11.90 1.60
N ASN A 179 11.75 -10.65 2.01
CA ASN A 179 13.13 -10.17 2.20
C ASN A 179 13.88 -10.91 3.34
N ALA A 180 13.16 -11.39 4.34
CA ALA A 180 13.78 -12.15 5.39
C ALA A 180 14.13 -13.52 4.80
N VAL A 181 13.22 -14.17 4.11
CA VAL A 181 13.50 -15.48 3.50
C VAL A 181 14.68 -15.43 2.50
N ASN A 182 14.68 -14.46 1.61
CA ASN A 182 15.65 -14.38 0.53
C ASN A 182 17.04 -13.99 0.99
N HIS A 183 17.15 -13.06 1.94
CA HIS A 183 18.45 -12.46 2.32
C HIS A 183 19.02 -12.83 3.70
N GLY A 184 18.12 -13.08 4.66
CA GLY A 184 18.46 -13.52 6.00
C GLY A 184 18.98 -12.39 6.83
N LEU A 185 18.75 -11.15 6.39
CA LEU A 185 19.38 -9.97 6.99
C LEU A 185 18.53 -9.35 8.05
N LEU A 186 17.21 -9.40 7.93
CA LEU A 186 16.35 -8.72 8.87
C LEU A 186 15.12 -9.57 9.28
N ASP A 187 15.07 -9.90 10.57
CA ASP A 187 14.02 -10.75 11.16
C ASP A 187 12.75 -9.96 10.93
N PRO A 188 11.67 -10.58 10.44
CA PRO A 188 10.49 -9.75 10.21
C PRO A 188 9.92 -9.12 11.48
N HIS A 189 10.10 -9.80 12.62
CA HIS A 189 9.83 -9.20 13.92
C HIS A 189 10.74 -7.98 14.24
N VAL A 190 12.03 -8.02 13.96
CA VAL A 190 12.86 -6.83 14.16
C VAL A 190 12.40 -5.70 13.23
N PHE A 191 12.06 -6.05 12.00
CA PHE A 191 11.52 -5.06 11.08
C PHE A 191 10.34 -4.25 11.67
N ILE A 192 9.35 -4.94 12.18
CA ILE A 192 8.08 -4.34 12.60
C ILE A 192 8.29 -3.59 13.90
N ASP A 193 9.12 -4.12 14.79
CA ASP A 193 9.52 -3.43 16.03
C ASP A 193 10.19 -2.12 15.76
N ASN A 194 10.84 -1.96 14.61
CA ASN A 194 11.67 -0.77 14.32
C ASN A 194 11.13 0.20 13.27
N VAL A 195 10.09 -0.23 12.55
CA VAL A 195 9.43 0.57 11.56
C VAL A 195 8.71 1.69 12.29
N ASP A 196 8.67 2.85 11.65
CA ASP A 196 7.95 4.02 12.12
C ASP A 196 6.44 3.77 11.98
N LEU A 197 5.90 3.01 12.93
CA LEU A 197 4.51 2.57 12.91
C LEU A 197 3.47 3.72 12.99
N LYS A 198 3.80 4.80 13.69
CA LYS A 198 2.95 6.01 13.69
C LYS A 198 2.66 6.49 12.27
N ARG A 199 3.50 6.13 11.29
CA ARG A 199 3.32 6.52 9.90
C ARG A 199 2.61 5.53 8.99
N VAL A 200 2.38 4.33 9.47
CA VAL A 200 1.69 3.34 8.66
C VAL A 200 0.22 3.72 8.55
N ASN A 201 -0.25 4.07 7.34
CA ASN A 201 -1.67 4.39 7.08
C ASN A 201 -2.40 3.47 6.14
N TYR A 202 -1.70 2.44 5.68
CA TYR A 202 -2.21 1.46 4.73
C TYR A 202 -1.41 0.18 4.86
N ILE A 203 -2.10 -0.97 4.92
CA ILE A 203 -1.46 -2.28 4.96
C ILE A 203 -1.94 -3.23 3.85
N HIS A 204 -1.04 -4.08 3.36
CA HIS A 204 -1.34 -5.13 2.36
C HIS A 204 -0.96 -6.44 2.96
N ILE A 205 -1.79 -7.46 2.76
CA ILE A 205 -1.50 -8.83 3.13
C ILE A 205 -1.99 -9.71 1.99
N ALA A 206 -1.18 -10.69 1.57
CA ALA A 206 -1.69 -11.81 0.69
C ALA A 206 -1.64 -13.15 1.39
N GLY A 249 0.19 -18.12 6.50
CA GLY A 249 0.49 -18.88 7.71
C GLY A 249 1.40 -18.11 8.65
N THR A 250 2.73 -18.21 8.44
CA THR A 250 3.71 -17.37 9.14
C THR A 250 3.41 -15.88 8.87
N VAL A 251 2.84 -15.56 7.69
CA VAL A 251 2.59 -14.16 7.25
C VAL A 251 1.34 -13.54 7.91
N TRP A 252 0.35 -14.38 8.11
CA TRP A 252 -0.84 -14.08 8.89
C TRP A 252 -0.45 -13.62 10.30
N ASP A 253 0.48 -14.36 10.89
CA ASP A 253 0.98 -14.06 12.22
C ASP A 253 1.76 -12.75 12.28
N LEU A 254 2.42 -12.37 11.19
CA LEU A 254 3.06 -11.06 11.09
C LEU A 254 2.06 -9.93 11.03
N LEU A 255 0.85 -10.20 10.51
CA LEU A 255 -0.25 -9.24 10.55
C LEU A 255 -0.69 -9.04 11.98
N GLU A 256 -0.86 -10.13 12.74
CA GLU A 256 -1.19 -10.01 14.16
C GLU A 256 -0.10 -9.28 14.94
N TYR A 257 1.16 -9.58 14.65
CA TYR A 257 2.30 -8.96 15.30
C TYR A 257 2.26 -7.47 15.07
N THR A 258 1.89 -7.04 13.87
CA THR A 258 1.83 -5.60 13.51
C THR A 258 0.61 -4.98 14.20
N TYR A 259 -0.52 -5.66 14.10
CA TYR A 259 -1.76 -5.20 14.76
C TYR A 259 -1.65 -4.96 16.29
N ALA A 260 -0.91 -5.83 16.99
CA ALA A 260 -0.50 -5.69 18.40
C ALA A 260 0.36 -4.47 18.74
N ARG A 261 0.94 -3.82 17.73
CA ARG A 261 1.88 -2.70 17.89
C ARG A 261 1.47 -1.38 17.23
N LEU A 262 0.54 -1.34 16.27
CA LEU A 262 0.19 -0.06 15.62
C LEU A 262 -0.50 0.87 16.62
N SER A 263 -0.47 2.17 16.34
CA SER A 263 -1.16 3.16 17.16
C SER A 263 -2.62 3.34 16.83
N HIS A 264 -3.02 2.85 15.67
CA HIS A 264 -4.38 2.98 15.17
C HIS A 264 -4.54 1.79 14.22
N PRO A 266 -5.24 0.89 10.48
CA PRO A 266 -5.37 1.36 9.15
C PRO A 266 -6.11 0.39 8.25
N PRO A 267 -6.56 0.88 7.09
CA PRO A 267 -7.13 0.04 6.07
C PRO A 267 -6.17 -1.04 5.69
N THR A 268 -6.70 -2.24 5.57
CA THR A 268 -5.92 -3.41 5.24
C THR A 268 -6.61 -4.11 4.05
N LEU A 269 -5.85 -4.30 2.96
CA LEU A 269 -6.34 -4.84 1.70
C LEU A 269 -5.82 -6.25 1.53
N LEU A 270 -6.68 -7.19 1.11
CA LEU A 270 -6.24 -8.51 0.61
C LEU A 270 -5.68 -8.29 -0.77
N GLU A 271 -4.38 -8.51 -0.91
CA GLU A 271 -3.71 -8.44 -2.20
C GLU A 271 -3.50 -9.89 -2.71
N ARG A 272 -3.78 -10.16 -3.99
CA ARG A 272 -3.65 -11.54 -4.48
C ARG A 272 -2.83 -11.57 -5.76
N PHE A 276 -5.56 -16.48 -8.83
CA PHE A 276 -6.84 -15.96 -9.35
C PHE A 276 -8.06 -16.87 -9.00
N PRO A 277 -8.56 -16.87 -7.71
CA PRO A 277 -9.78 -17.55 -7.16
C PRO A 277 -11.12 -16.78 -7.28
N PRO A 278 -12.26 -17.46 -6.99
CA PRO A 278 -13.60 -16.88 -7.21
C PRO A 278 -14.01 -15.84 -6.17
N PHE A 279 -14.82 -14.85 -6.58
CA PHE A 279 -15.04 -13.63 -5.79
C PHE A 279 -15.47 -13.90 -4.37
N GLU A 280 -16.44 -14.79 -4.16
CA GLU A 280 -16.95 -15.02 -2.82
C GLU A 280 -15.87 -15.62 -1.88
N LYS A 281 -14.93 -16.43 -2.39
CA LYS A 281 -13.74 -16.87 -1.60
C LYS A 281 -12.94 -15.65 -1.16
N LEU A 282 -12.66 -14.75 -2.11
CA LEU A 282 -11.96 -13.50 -1.80
C LEU A 282 -12.69 -12.66 -0.74
N CYS A 283 -14.02 -12.64 -0.77
CA CYS A 283 -14.78 -11.97 0.27
C CYS A 283 -14.67 -12.68 1.64
N LYS A 284 -14.59 -14.01 1.66
CA LYS A 284 -14.44 -14.72 2.94
C LYS A 284 -13.06 -14.41 3.53
N GLU A 285 -12.04 -14.29 2.69
CA GLU A 285 -10.71 -13.95 3.12
C GLU A 285 -10.73 -12.52 3.67
N VAL A 286 -11.48 -11.60 3.06
CA VAL A 286 -11.60 -10.20 3.54
C VAL A 286 -12.34 -10.13 4.93
N ASP A 287 -13.36 -10.95 5.14
CA ASP A 287 -14.06 -11.02 6.43
C ASP A 287 -13.14 -11.38 7.59
N ILE A 288 -12.19 -12.27 7.32
CA ILE A 288 -11.19 -12.73 8.26
C ILE A 288 -10.20 -11.62 8.58
N ILE A 289 -9.68 -10.92 7.60
CA ILE A 289 -8.88 -9.74 7.90
C ILE A 289 -9.69 -8.83 8.81
N HIS A 290 -10.96 -8.64 8.52
CA HIS A 290 -11.74 -7.70 9.29
C HIS A 290 -12.02 -8.15 10.71
N GLN A 291 -12.35 -9.42 10.87
CA GLN A 291 -12.57 -10.00 12.17
C GLN A 291 -11.31 -9.84 13.02
N LEU A 292 -10.15 -9.96 12.38
CA LEU A 292 -8.89 -9.78 13.05
C LEU A 292 -8.65 -8.31 13.42
N GLN A 293 -9.08 -7.38 12.60
CA GLN A 293 -9.00 -5.98 12.93
C GLN A 293 -9.84 -5.59 14.16
N GLN A 294 -11.06 -6.16 14.24
CA GLN A 294 -11.96 -5.87 15.31
C GLN A 294 -11.51 -6.49 16.58
N LYS A 295 -10.84 -7.64 16.50
CA LYS A 295 -10.27 -8.24 17.69
C LYS A 295 -9.30 -7.22 18.28
N TYR A 296 -8.44 -6.64 17.47
CA TYR A 296 -7.41 -5.72 17.98
C TYR A 296 -7.90 -4.30 18.29
N VAL A 297 -8.80 -3.73 17.51
CA VAL A 297 -9.45 -2.47 17.88
C VAL A 297 -10.15 -2.64 19.25
N LYS A 298 -10.83 -3.76 19.49
CA LYS A 298 -11.51 -4.01 20.79
C LYS A 298 -10.54 -4.21 21.93
N LYS A 299 -9.53 -5.05 21.76
CA LYS A 299 -8.73 -5.50 22.89
C LYS A 299 -7.74 -4.44 23.29
N ARG A 300 -7.33 -3.58 22.33
CA ARG A 300 -6.34 -2.51 22.55
C ARG A 300 -6.90 -1.07 22.58
N GLY A 301 -8.22 -0.93 22.51
CA GLY A 301 -8.88 0.36 22.45
C GLY A 301 -8.40 1.27 21.33
N LEU A 302 -8.12 0.71 20.16
CA LEU A 302 -7.63 1.53 19.02
C LEU A 302 -8.73 2.28 18.31
N SER A 303 -8.34 3.30 17.57
CA SER A 303 -9.23 3.92 16.64
C SER A 303 -8.95 3.43 15.24
N TRP A 304 -10.02 3.38 14.46
CA TRP A 304 -9.92 3.19 13.06
C TRP A 304 -9.39 4.43 12.34
N LEU A 305 -8.28 4.29 11.61
CA LEU A 305 -7.80 5.28 10.66
C LEU A 305 -8.77 5.27 9.49
N LYS A 306 -9.32 6.44 9.20
CA LYS A 306 -10.20 6.62 8.06
C LYS A 306 -9.48 7.53 7.08
N ILE A 307 -9.37 7.10 5.82
CA ILE A 307 -8.76 7.90 4.75
C ILE A 307 -9.84 8.53 3.82
#